data_2NSK
# 
_entry.id   2NSK 
# 
_audit_conform.dict_name       mmcif_pdbx.dic 
_audit_conform.dict_version    5.383 
_audit_conform.dict_location   http://mmcif.pdb.org/dictionaries/ascii/mmcif_pdbx.dic 
# 
loop_
_database_2.database_id 
_database_2.database_code 
_database_2.pdbx_database_accession 
_database_2.pdbx_DOI 
PDB   2NSK         pdb_00002nsk 10.2210/pdb2nsk/pdb 
NDB   AD0066       ?            ?                   
RCSB  RCSB040249   ?            ?                   
WWPDB D_1000040249 ?            ?                   
# 
loop_
_pdbx_audit_revision_history.ordinal 
_pdbx_audit_revision_history.data_content_type 
_pdbx_audit_revision_history.major_revision 
_pdbx_audit_revision_history.minor_revision 
_pdbx_audit_revision_history.revision_date 
1 'Structure model' 1 0 2006-11-14 
2 'Structure model' 1 1 2008-05-01 
3 'Structure model' 1 2 2011-07-13 
4 'Structure model' 1 3 2023-12-27 
# 
_pdbx_audit_revision_details.ordinal             1 
_pdbx_audit_revision_details.revision_ordinal    1 
_pdbx_audit_revision_details.data_content_type   'Structure model' 
_pdbx_audit_revision_details.provider            repository 
_pdbx_audit_revision_details.type                'Initial release' 
_pdbx_audit_revision_details.description         ? 
_pdbx_audit_revision_details.details             ? 
# 
loop_
_pdbx_audit_revision_group.ordinal 
_pdbx_audit_revision_group.revision_ordinal 
_pdbx_audit_revision_group.data_content_type 
_pdbx_audit_revision_group.group 
1 2 'Structure model' 'Version format compliance' 
2 3 'Structure model' 'Version format compliance' 
3 4 'Structure model' 'Data collection'           
4 4 'Structure model' 'Database references'       
5 4 'Structure model' 'Derived calculations'      
# 
loop_
_pdbx_audit_revision_category.ordinal 
_pdbx_audit_revision_category.revision_ordinal 
_pdbx_audit_revision_category.data_content_type 
_pdbx_audit_revision_category.category 
1 4 'Structure model' chem_comp_atom 
2 4 'Structure model' chem_comp_bond 
3 4 'Structure model' database_2     
4 4 'Structure model' struct_conn    
# 
loop_
_pdbx_audit_revision_item.ordinal 
_pdbx_audit_revision_item.revision_ordinal 
_pdbx_audit_revision_item.data_content_type 
_pdbx_audit_revision_item.item 
1  4 'Structure model' '_database_2.pdbx_DOI'                
2  4 'Structure model' '_database_2.pdbx_database_accession' 
3  4 'Structure model' '_struct_conn.pdbx_dist_value'        
4  4 'Structure model' '_struct_conn.pdbx_leaving_atom_flag' 
5  4 'Structure model' '_struct_conn.ptnr1_auth_comp_id'     
6  4 'Structure model' '_struct_conn.ptnr1_auth_seq_id'      
7  4 'Structure model' '_struct_conn.ptnr1_label_comp_id'    
8  4 'Structure model' '_struct_conn.ptnr1_label_seq_id'     
9  4 'Structure model' '_struct_conn.ptnr2_auth_comp_id'     
10 4 'Structure model' '_struct_conn.ptnr2_auth_seq_id'      
11 4 'Structure model' '_struct_conn.ptnr2_label_comp_id'    
12 4 'Structure model' '_struct_conn.ptnr2_label_seq_id'     
# 
_pdbx_database_status.status_code                     REL 
_pdbx_database_status.entry_id                        2NSK 
_pdbx_database_status.recvd_initial_deposition_date   2006-11-04 
_pdbx_database_status.deposit_site                    RCSB 
_pdbx_database_status.process_site                    RCSB 
_pdbx_database_status.status_code_sf                  REL 
_pdbx_database_status.status_code_mr                  ? 
_pdbx_database_status.SG_entry                        ? 
_pdbx_database_status.pdb_format_compatible           Y 
_pdbx_database_status.status_code_cs                  ? 
_pdbx_database_status.status_code_nmr_data            ? 
_pdbx_database_status.methods_development_category    ? 
# 
_pdbx_database_related.db_name        PDB 
_pdbx_database_related.db_id          1Z7I 
_pdbx_database_related.details        
;Single modified Selenium at 2'-U
;
_pdbx_database_related.content_type   unspecified 
# 
loop_
_audit_author.name 
_audit_author.pdbx_ordinal 
'Jiang, J.' 1 
'Shen, J.'  2 
'Huang, Z.' 3 
# 
_citation.id                        primary 
_citation.title                     'Double Modified Selinium DNA [G(Use)G(Tse)ACAC]' 
_citation.journal_abbrev            'To be Published' 
_citation.journal_volume            ? 
_citation.page_first                ? 
_citation.page_last                 ? 
_citation.year                      ? 
_citation.journal_id_ASTM           ? 
_citation.country                   ? 
_citation.journal_id_ISSN           ? 
_citation.journal_id_CSD            0353 
_citation.book_publisher            ? 
_citation.pdbx_database_id_PubMed   ? 
_citation.pdbx_database_id_DOI      ? 
# 
loop_
_citation_author.citation_id 
_citation_author.name 
_citation_author.ordinal 
_citation_author.identifier_ORCID 
primary 'Jiang, J.' 1 ? 
primary 'Shen, J.'  2 ? 
primary 'Huang, Z.' 3 ? 
# 
loop_
_entity.id 
_entity.type 
_entity.src_method 
_entity.pdbx_description 
_entity.formula_weight 
_entity.pdbx_number_of_molecules 
_entity.pdbx_ec 
_entity.pdbx_mutation 
_entity.pdbx_fragment 
_entity.details 
1 polymer syn "5'-D(*GP*(UMS)P*GP*(T4S)P*AP*CP*AP*C)-3'" 2568.538 1  ? ? ? ? 
2 water   nat water                                      18.015   36 ? ? ? ? 
# 
_entity_poly.entity_id                      1 
_entity_poly.type                           polydeoxyribonucleotide 
_entity_poly.nstd_linkage                   no 
_entity_poly.nstd_monomer                   yes 
_entity_poly.pdbx_seq_one_letter_code       '(DG)(UMS)(DG)(T4S)(DA)(DC)(DA)(DC)' 
_entity_poly.pdbx_seq_one_letter_code_can   GUGTACAC 
_entity_poly.pdbx_strand_id                 A 
_entity_poly.pdbx_target_identifier         ? 
# 
_pdbx_entity_nonpoly.entity_id   2 
_pdbx_entity_nonpoly.name        water 
_pdbx_entity_nonpoly.comp_id     HOH 
# 
loop_
_entity_poly_seq.entity_id 
_entity_poly_seq.num 
_entity_poly_seq.mon_id 
_entity_poly_seq.hetero 
1 1 DG  n 
1 2 UMS n 
1 3 DG  n 
1 4 T4S n 
1 5 DA  n 
1 6 DC  n 
1 7 DA  n 
1 8 DC  n 
# 
loop_
_chem_comp.id 
_chem_comp.type 
_chem_comp.mon_nstd_flag 
_chem_comp.name 
_chem_comp.pdbx_synonyms 
_chem_comp.formula 
_chem_comp.formula_weight 
DA  'DNA linking' y "2'-DEOXYADENOSINE-5'-MONOPHOSPHATE"                                                                ? 
'C10 H14 N5 O6 P'    331.222 
DC  'DNA linking' y "2'-DEOXYCYTIDINE-5'-MONOPHOSPHATE"                                                                 ? 
'C9 H14 N3 O7 P'     307.197 
DG  'DNA linking' y "2'-DEOXYGUANOSINE-5'-MONOPHOSPHATE"                                                                ? 
'C10 H14 N5 O7 P'    347.221 
HOH non-polymer   . WATER                                                                                               ? 'H2 O' 
18.015  
T4S 'DNA linking' n '1-(2-DEOXY-5-O-PHOSPHONO-BETA-D-ERYTHRO-PENTOFURANOSYL)-4-HYDROSELENO-5-METHYLPYRIMIDIN-2(1H)-ONE' ? 
'C10 H15 N2 O7 P Se' 385.169 
UMS 'DNA linking' n "2'-METHYLSELENYL-2'-DEOXYURIDINE-5'-PHOSPHATE"                                                     ? 
'C10 H15 N2 O8 P Se' 401.168 
# 
loop_
_pdbx_poly_seq_scheme.asym_id 
_pdbx_poly_seq_scheme.entity_id 
_pdbx_poly_seq_scheme.seq_id 
_pdbx_poly_seq_scheme.mon_id 
_pdbx_poly_seq_scheme.ndb_seq_num 
_pdbx_poly_seq_scheme.pdb_seq_num 
_pdbx_poly_seq_scheme.auth_seq_num 
_pdbx_poly_seq_scheme.pdb_mon_id 
_pdbx_poly_seq_scheme.auth_mon_id 
_pdbx_poly_seq_scheme.pdb_strand_id 
_pdbx_poly_seq_scheme.pdb_ins_code 
_pdbx_poly_seq_scheme.hetero 
A 1 1 DG  1 1 1 DG  GUA A . n 
A 1 2 UMS 2 2 2 UMS UMS A . n 
A 1 3 DG  3 3 3 DG  GUA A . n 
A 1 4 T4S 4 4 4 T4S TSE A . n 
A 1 5 DA  5 5 5 DA  ADE A . n 
A 1 6 DC  6 6 6 DC  CYT A . n 
A 1 7 DA  7 7 7 DA  ADE A . n 
A 1 8 DC  8 8 8 DC  CYT A . n 
# 
loop_
_pdbx_nonpoly_scheme.asym_id 
_pdbx_nonpoly_scheme.entity_id 
_pdbx_nonpoly_scheme.mon_id 
_pdbx_nonpoly_scheme.ndb_seq_num 
_pdbx_nonpoly_scheme.pdb_seq_num 
_pdbx_nonpoly_scheme.auth_seq_num 
_pdbx_nonpoly_scheme.pdb_mon_id 
_pdbx_nonpoly_scheme.auth_mon_id 
_pdbx_nonpoly_scheme.pdb_strand_id 
_pdbx_nonpoly_scheme.pdb_ins_code 
B 2 HOH 1  9  1  HOH HOH A . 
B 2 HOH 2  10 2  HOH HOH A . 
B 2 HOH 3  11 3  HOH HOH A . 
B 2 HOH 4  12 4  HOH HOH A . 
B 2 HOH 5  13 5  HOH HOH A . 
B 2 HOH 6  14 6  HOH HOH A . 
B 2 HOH 7  15 7  HOH HOH A . 
B 2 HOH 8  16 8  HOH HOH A . 
B 2 HOH 9  17 9  HOH HOH A . 
B 2 HOH 10 18 10 HOH HOH A . 
B 2 HOH 11 19 11 HOH HOH A . 
B 2 HOH 12 20 12 HOH HOH A . 
B 2 HOH 13 21 13 HOH HOH A . 
B 2 HOH 14 22 14 HOH HOH A . 
B 2 HOH 15 23 15 HOH HOH A . 
B 2 HOH 16 24 16 HOH HOH A . 
B 2 HOH 17 25 17 HOH HOH A . 
B 2 HOH 18 26 18 HOH HOH A . 
B 2 HOH 19 27 19 HOH HOH A . 
B 2 HOH 20 28 20 HOH HOH A . 
B 2 HOH 21 29 21 HOH HOH A . 
B 2 HOH 22 30 22 HOH HOH A . 
B 2 HOH 23 31 23 HOH HOH A . 
B 2 HOH 24 32 24 HOH HOH A . 
B 2 HOH 25 33 25 HOH HOH A . 
B 2 HOH 26 34 26 HOH HOH A . 
B 2 HOH 27 35 27 HOH HOH A . 
B 2 HOH 28 36 28 HOH HOH A . 
B 2 HOH 29 37 29 HOH HOH A . 
B 2 HOH 30 38 30 HOH HOH A . 
B 2 HOH 31 39 31 HOH HOH A . 
B 2 HOH 32 40 32 HOH HOH A . 
B 2 HOH 33 41 33 HOH HOH A . 
B 2 HOH 34 42 34 HOH HOH A . 
B 2 HOH 35 43 35 HOH HOH A . 
B 2 HOH 36 44 36 HOH HOH A . 
# 
loop_
_software.name 
_software.classification 
_software.version 
_software.citation_id 
_software.pdbx_ordinal 
CNS       refinement        1.1 ? 1 
CBASS     'data collection' .   ? 2 
HKL-2000  'data reduction'  .   ? 3 
SCALEPACK 'data scaling'    .   ? 4 
CNS       phasing           .   ? 5 
# 
_cell.entry_id           2NSK 
_cell.length_a           42.305 
_cell.length_b           42.305 
_cell.length_c           23.837 
_cell.angle_alpha        90.00 
_cell.angle_beta         90.00 
_cell.angle_gamma        90.00 
_cell.Z_PDB              8 
_cell.pdbx_unique_axis   ? 
_cell.length_a_esd       ? 
_cell.length_b_esd       ? 
_cell.length_c_esd       ? 
_cell.angle_alpha_esd    ? 
_cell.angle_beta_esd     ? 
_cell.angle_gamma_esd    ? 
# 
_symmetry.entry_id                         2NSK 
_symmetry.space_group_name_H-M             'P 43 21 2' 
_symmetry.pdbx_full_space_group_name_H-M   ? 
_symmetry.cell_setting                     ? 
_symmetry.Int_Tables_number                96 
_symmetry.space_group_name_Hall            ? 
# 
_exptl.entry_id          2NSK 
_exptl.method            'X-RAY DIFFRACTION' 
_exptl.crystals_number   1 
# 
_exptl_crystal.id                    1 
_exptl_crystal.density_meas          ? 
_exptl_crystal.density_Matthews      2.00 
_exptl_crystal.density_percent_sol   38.54 
_exptl_crystal.description           ? 
_exptl_crystal.F_000                 ? 
_exptl_crystal.preparation           ? 
# 
_exptl_crystal_grow.crystal_id      1 
_exptl_crystal_grow.method          'VAPOR DIFFUSION, HANGING DROP' 
_exptl_crystal_grow.temp            298 
_exptl_crystal_grow.temp_details    ? 
_exptl_crystal_grow.pH              7.0 
_exptl_crystal_grow.pdbx_details    
;10% MPD, 40mM NaCacodylate pH 7.0 , 12 mMSpermine tetra-HCI, and 80 mM Soldium Chloride., VAPOR DIFFUSION, HANGING DROP, temperature 298K
;
_exptl_crystal_grow.pdbx_pH_range   . 
# 
loop_
_exptl_crystal_grow_comp.crystal_id 
_exptl_crystal_grow_comp.id 
_exptl_crystal_grow_comp.sol_id 
_exptl_crystal_grow_comp.name 
_exptl_crystal_grow_comp.volume 
_exptl_crystal_grow_comp.conc 
_exptl_crystal_grow_comp.details 
1 1 1 MPD                  ? ? ? 
1 2 1 NaCacodylate         ? ? ? 
1 3 1 'Spermine tetra-HCI' ? ? ? 
1 4 1 'Soldium Chloride'   ? ? ? 
1 5 1 H2O                  ? ? ? 
1 6 2 MPD                  ? ? ? 
1 7 2 NaCacodylate         ? ? ? 
1 8 2 'Soldium Chloride'   ? ? ? 
1 9 2 H2O                  ? ? ? 
# 
_diffrn.id                     1 
_diffrn.ambient_temp           100 
_diffrn.ambient_temp_details   ? 
_diffrn.crystal_id             1 
# 
_diffrn_detector.diffrn_id              1 
_diffrn_detector.detector               CCD 
_diffrn_detector.type                   'ADSC QUANTUM 210' 
_diffrn_detector.pdbx_collection_date   2006-10-07 
_diffrn_detector.details                ? 
# 
_diffrn_radiation.diffrn_id                        1 
_diffrn_radiation.wavelength_id                    1 
_diffrn_radiation.pdbx_monochromatic_or_laue_m_l   M 
_diffrn_radiation.monochromator                    ? 
_diffrn_radiation.pdbx_diffrn_protocol             MAD 
_diffrn_radiation.pdbx_scattering_type             x-ray 
# 
loop_
_diffrn_radiation_wavelength.id 
_diffrn_radiation_wavelength.wavelength 
_diffrn_radiation_wavelength.wt 
1 1.1000 1.0 
2 0.9796 1.0 
3 0.9798 1.0 
4 0.9400 1.0 
# 
_diffrn_source.diffrn_id                   1 
_diffrn_source.source                      SYNCHROTRON 
_diffrn_source.type                        'NSLS BEAMLINE X12C' 
_diffrn_source.pdbx_synchrotron_site       NSLS 
_diffrn_source.pdbx_synchrotron_beamline   X12C 
_diffrn_source.pdbx_wavelength             ? 
_diffrn_source.pdbx_wavelength_list        '1.1000, 0.9796, 0.9798, 0.9400' 
# 
_reflns.entry_id                     2NSK 
_reflns.observed_criterion_sigma_I   0 
_reflns.observed_criterion_sigma_F   0 
_reflns.d_resolution_low             40 
_reflns.d_resolution_high            1.50 
_reflns.number_obs                   3718 
_reflns.number_all                   3718 
_reflns.percent_possible_obs         98.3 
_reflns.pdbx_Rmerge_I_obs            0.048 
_reflns.pdbx_Rsym_value              ? 
_reflns.pdbx_netI_over_sigmaI        14.7 
_reflns.B_iso_Wilson_estimate        17.4 
_reflns.pdbx_redundancy              12.7 
_reflns.R_free_details               ? 
_reflns.pdbx_chi_squared             ? 
_reflns.pdbx_scaling_rejects         ? 
_reflns.pdbx_diffrn_id               1 
_reflns.pdbx_ordinal                 1 
# 
_reflns_shell.d_res_high             1.50 
_reflns_shell.d_res_low              1.55 
_reflns_shell.percent_possible_all   100.0 
_reflns_shell.Rmerge_I_obs           0.272 
_reflns_shell.pdbx_Rsym_value        ? 
_reflns_shell.meanI_over_sigI_obs    5.6 
_reflns_shell.pdbx_redundancy        12.2 
_reflns_shell.percent_possible_obs   ? 
_reflns_shell.number_unique_all      352 
_reflns_shell.number_measured_all    ? 
_reflns_shell.number_measured_obs    ? 
_reflns_shell.number_unique_obs      ? 
_reflns_shell.pdbx_chi_squared       ? 
_reflns_shell.pdbx_diffrn_id         ? 
_reflns_shell.pdbx_ordinal           1 
# 
_refine.entry_id                                 2NSK 
_refine.ls_number_reflns_obs                     3531 
_refine.ls_number_reflns_all                     3531 
_refine.pdbx_ls_sigma_I                          ? 
_refine.pdbx_ls_sigma_F                          2.5 
_refine.pdbx_data_cutoff_high_absF               616408.39 
_refine.pdbx_data_cutoff_low_absF                0.000000 
_refine.pdbx_data_cutoff_high_rms_absF           ? 
_refine.ls_d_res_low                             15.82 
_refine.ls_d_res_high                            1.50 
_refine.ls_percent_reflns_obs                    94.0 
_refine.ls_R_factor_obs                          0.195 
_refine.ls_R_factor_all                          0.198 
_refine.ls_R_factor_R_work                       0.195 
_refine.ls_R_factor_R_free                       0.212 
_refine.ls_R_factor_R_free_error                 0.013 
_refine.ls_R_factor_R_free_error_details         ? 
_refine.ls_percent_reflns_R_free                 7.7 
_refine.ls_number_reflns_R_free                  273 
_refine.ls_number_parameters                     ? 
_refine.ls_number_restraints                     ? 
_refine.occupancy_min                            ? 
_refine.occupancy_max                            ? 
_refine.correlation_coeff_Fo_to_Fc               ? 
_refine.correlation_coeff_Fo_to_Fc_free          ? 
_refine.B_iso_mean                               24.0 
_refine.aniso_B[1][1]                            -1.51 
_refine.aniso_B[2][2]                            -1.51 
_refine.aniso_B[3][3]                            3.02 
_refine.aniso_B[1][2]                            0.00 
_refine.aniso_B[1][3]                            0.00 
_refine.aniso_B[2][3]                            0.00 
_refine.solvent_model_details                    'FLAT MODEL' 
_refine.solvent_model_param_ksol                 0.34 
_refine.solvent_model_param_bsol                 47.6183 
_refine.pdbx_solvent_vdw_probe_radii             ? 
_refine.pdbx_solvent_ion_probe_radii             ? 
_refine.pdbx_solvent_shrinkage_radii             ? 
_refine.pdbx_ls_cross_valid_method               THROUGHOUT 
_refine.details                                  ? 
_refine.pdbx_starting_model                      ? 
_refine.pdbx_method_to_determine_struct          MAD 
_refine.pdbx_isotropic_thermal_model             RESTRAINED 
_refine.pdbx_stereochemistry_target_values       ? 
_refine.pdbx_stereochem_target_val_spec_case     ? 
_refine.pdbx_R_Free_selection_details            RANDOM 
_refine.pdbx_overall_ESU_R                       ? 
_refine.pdbx_overall_ESU_R_Free                  ? 
_refine.overall_SU_ML                            ? 
_refine.overall_SU_B                             ? 
_refine.ls_redundancy_reflns_obs                 ? 
_refine.overall_SU_R_Cruickshank_DPI             ? 
_refine.overall_SU_R_free                        ? 
_refine.ls_wR_factor_R_free                      ? 
_refine.ls_wR_factor_R_work                      ? 
_refine.overall_FOM_free_R_set                   ? 
_refine.overall_FOM_work_R_set                   ? 
_refine.pdbx_refine_id                           'X-RAY DIFFRACTION' 
_refine.pdbx_diffrn_id                           1 
_refine.pdbx_TLS_residual_ADP_flag               ? 
_refine.pdbx_overall_phase_error                 ? 
_refine.pdbx_overall_SU_R_free_Cruickshank_DPI   ? 
_refine.pdbx_overall_SU_R_Blow_DPI               ? 
_refine.pdbx_overall_SU_R_free_Blow_DPI          ? 
# 
_refine_analyze.entry_id                        2NSK 
_refine_analyze.Luzzati_coordinate_error_obs    0.16 
_refine_analyze.Luzzati_sigma_a_obs             0.06 
_refine_analyze.Luzzati_d_res_low_obs           5.00 
_refine_analyze.Luzzati_coordinate_error_free   0.19 
_refine_analyze.Luzzati_sigma_a_free            ? 
_refine_analyze.Luzzati_d_res_low_free          ? 
_refine_analyze.number_disordered_residues      ? 
_refine_analyze.occupancy_sum_hydrogen          ? 
_refine_analyze.occupancy_sum_non_hydrogen      ? 
_refine_analyze.pdbx_refine_id                  'X-RAY DIFFRACTION' 
# 
_refine_hist.pdbx_refine_id                   'X-RAY DIFFRACTION' 
_refine_hist.cycle_id                         LAST 
_refine_hist.pdbx_number_atoms_protein        0 
_refine_hist.pdbx_number_atoms_nucleic_acid   162 
_refine_hist.pdbx_number_atoms_ligand         0 
_refine_hist.number_atoms_solvent             36 
_refine_hist.number_atoms_total               198 
_refine_hist.d_res_high                       1.50 
_refine_hist.d_res_low                        15.82 
# 
loop_
_refine_ls_restr.type 
_refine_ls_restr.dev_ideal 
_refine_ls_restr.dev_ideal_target 
_refine_ls_restr.weight 
_refine_ls_restr.number 
_refine_ls_restr.pdbx_refine_id 
_refine_ls_restr.pdbx_restraint_function 
c_bond_d           0.011 ? ? ? 'X-RAY DIFFRACTION' ? 
c_angle_deg        1.8   ? ? ? 'X-RAY DIFFRACTION' ? 
c_dihedral_angle_d 32.2  ? ? ? 'X-RAY DIFFRACTION' ? 
c_improper_angle_d 2.17  ? ? ? 'X-RAY DIFFRACTION' ? 
# 
_refine_ls_shell.pdbx_total_number_of_bins_used   6 
_refine_ls_shell.d_res_high                       1.50 
_refine_ls_shell.d_res_low                        1.59 
_refine_ls_shell.number_reflns_R_work             492 
_refine_ls_shell.R_factor_R_work                  0.195 
_refine_ls_shell.percent_reflns_obs               88.0 
_refine_ls_shell.R_factor_R_free                  0.199 
_refine_ls_shell.R_factor_R_free_error            0.034 
_refine_ls_shell.percent_reflns_R_free            6.6 
_refine_ls_shell.number_reflns_R_free             35 
_refine_ls_shell.number_reflns_all                ? 
_refine_ls_shell.R_factor_all                     ? 
_refine_ls_shell.number_reflns_obs                492 
_refine_ls_shell.redundancy_reflns_obs            ? 
_refine_ls_shell.pdbx_refine_id                   'X-RAY DIFFRACTION' 
# 
loop_
_pdbx_xplor_file.serial_no 
_pdbx_xplor_file.param_file 
_pdbx_xplor_file.topol_file 
_pdbx_xplor_file.pdbx_refine_id 
1 protein_rep.param protein.top 'X-RAY DIFFRACTION' 
2 water_rep.param   dna-rna.top 'X-RAY DIFFRACTION' 
3 ion.param         water.top   'X-RAY DIFFRACTION' 
4 dna-rna_ums.par   ion.top     'X-RAY DIFFRACTION' 
5 cac.par           ums.top     'X-RAY DIFFRACTION' 
# 
_struct.entry_id                  2NSK 
_struct.title                     'Doubled Modified Selenium DNA' 
_struct.pdbx_model_details        ? 
_struct.pdbx_CASP_flag            ? 
_struct.pdbx_model_type_details   ? 
# 
_struct_keywords.entry_id        2NSK 
_struct_keywords.pdbx_keywords   DNA 
_struct_keywords.text            'Double Modified Se-DNA, MAD/SAD Phasing, DNA' 
# 
loop_
_struct_asym.id 
_struct_asym.pdbx_blank_PDB_chainid_flag 
_struct_asym.pdbx_modified 
_struct_asym.entity_id 
_struct_asym.details 
A N N 1 ? 
B N N 2 ? 
# 
_struct_ref.id                         1 
_struct_ref.entity_id                  1 
_struct_ref.db_name                    PDB 
_struct_ref.db_code                    2NSK 
_struct_ref.pdbx_db_accession          2NSK 
_struct_ref.pdbx_db_isoform            ? 
_struct_ref.pdbx_seq_one_letter_code   ? 
_struct_ref.pdbx_align_begin           ? 
# 
_struct_ref_seq.align_id                      1 
_struct_ref_seq.ref_id                        1 
_struct_ref_seq.pdbx_PDB_id_code              2NSK 
_struct_ref_seq.pdbx_strand_id                A 
_struct_ref_seq.seq_align_beg                 1 
_struct_ref_seq.pdbx_seq_align_beg_ins_code   ? 
_struct_ref_seq.seq_align_end                 8 
_struct_ref_seq.pdbx_seq_align_end_ins_code   ? 
_struct_ref_seq.pdbx_db_accession             2NSK 
_struct_ref_seq.db_align_beg                  1 
_struct_ref_seq.pdbx_db_align_beg_ins_code    ? 
_struct_ref_seq.db_align_end                  8 
_struct_ref_seq.pdbx_db_align_end_ins_code    ? 
_struct_ref_seq.pdbx_auth_seq_align_beg       1 
_struct_ref_seq.pdbx_auth_seq_align_end       8 
# 
_pdbx_struct_assembly.id                   1 
_pdbx_struct_assembly.details              author_defined_assembly 
_pdbx_struct_assembly.method_details       ? 
_pdbx_struct_assembly.oligomeric_details   dimeric 
_pdbx_struct_assembly.oligomeric_count     2 
# 
_pdbx_struct_assembly_gen.assembly_id       1 
_pdbx_struct_assembly_gen.oper_expression   1,2 
_pdbx_struct_assembly_gen.asym_id_list      A,B 
# 
loop_
_pdbx_struct_oper_list.id 
_pdbx_struct_oper_list.type 
_pdbx_struct_oper_list.name 
_pdbx_struct_oper_list.symmetry_operation 
_pdbx_struct_oper_list.matrix[1][1] 
_pdbx_struct_oper_list.matrix[1][2] 
_pdbx_struct_oper_list.matrix[1][3] 
_pdbx_struct_oper_list.vector[1] 
_pdbx_struct_oper_list.matrix[2][1] 
_pdbx_struct_oper_list.matrix[2][2] 
_pdbx_struct_oper_list.matrix[2][3] 
_pdbx_struct_oper_list.vector[2] 
_pdbx_struct_oper_list.matrix[3][1] 
_pdbx_struct_oper_list.matrix[3][2] 
_pdbx_struct_oper_list.matrix[3][3] 
_pdbx_struct_oper_list.vector[3] 
1 'identity operation'         1_555 x,y,z    1.0000000000  0.0000000000 0.0000000000 0.0000000000  0.0000000000 1.0000000000  0.0000000000 0.0000000000  0.0000000000 0.0000000000 1.0000000000 0.0000000000 
2 'crystal symmetry operation' 7_556 y,x,-z+1 -0.8930816459 0.0588465906 0.4460294301 -4.9928254229 0.0588465906 -0.9676115363 0.2454892941 -0.5358238350 0.4460294301 0.2454892941 0.8606931823 1.2675308941 
# 
_struct_biol.id                    1 
_struct_biol.details               'Duplex can be generated by (y,x,-z)' 
_struct_biol.pdbx_parent_biol_id   ? 
# 
loop_
_struct_conn.id 
_struct_conn.conn_type_id 
_struct_conn.pdbx_leaving_atom_flag 
_struct_conn.pdbx_PDB_id 
_struct_conn.ptnr1_label_asym_id 
_struct_conn.ptnr1_label_comp_id 
_struct_conn.ptnr1_label_seq_id 
_struct_conn.ptnr1_label_atom_id 
_struct_conn.pdbx_ptnr1_label_alt_id 
_struct_conn.pdbx_ptnr1_PDB_ins_code 
_struct_conn.pdbx_ptnr1_standard_comp_id 
_struct_conn.ptnr1_symmetry 
_struct_conn.ptnr2_label_asym_id 
_struct_conn.ptnr2_label_comp_id 
_struct_conn.ptnr2_label_seq_id 
_struct_conn.ptnr2_label_atom_id 
_struct_conn.pdbx_ptnr2_label_alt_id 
_struct_conn.pdbx_ptnr2_PDB_ins_code 
_struct_conn.ptnr1_auth_asym_id 
_struct_conn.ptnr1_auth_comp_id 
_struct_conn.ptnr1_auth_seq_id 
_struct_conn.ptnr2_auth_asym_id 
_struct_conn.ptnr2_auth_comp_id 
_struct_conn.ptnr2_auth_seq_id 
_struct_conn.ptnr2_symmetry 
_struct_conn.pdbx_ptnr3_label_atom_id 
_struct_conn.pdbx_ptnr3_label_seq_id 
_struct_conn.pdbx_ptnr3_label_comp_id 
_struct_conn.pdbx_ptnr3_label_asym_id 
_struct_conn.pdbx_ptnr3_label_alt_id 
_struct_conn.pdbx_ptnr3_PDB_ins_code 
_struct_conn.details 
_struct_conn.pdbx_dist_value 
_struct_conn.pdbx_value_order 
_struct_conn.pdbx_role 
covale1  covale both ? A DG  1 "O3'" ? ? ? 1_555 A UMS 2 P  ? ? A DG  1 A UMS 2 1_555 ? ? ? ? ? ? ?             1.610 ? ? 
covale2  covale both ? A UMS 2 "O3'" ? ? ? 1_555 A DG  3 P  ? ? A UMS 2 A DG  3 1_555 ? ? ? ? ? ? ?             1.623 ? ? 
covale3  covale both ? A DG  3 "O3'" ? ? ? 1_555 A T4S 4 P  ? ? A DG  3 A T4S 4 1_555 ? ? ? ? ? ? ?             1.614 ? ? 
covale4  covale both ? A T4S 4 "O3'" ? ? ? 1_555 A DA  5 P  ? ? A T4S 4 A DA  5 1_555 ? ? ? ? ? ? ?             1.589 ? ? 
hydrog1  hydrog ?    ? A DG  1 N1    ? ? ? 1_555 A DC  8 N3 ? ? A DG  1 A DC  8 7_556 ? ? ? ? ? ? WATSON-CRICK  ?     ? ? 
hydrog2  hydrog ?    ? A DG  1 N2    ? ? ? 1_555 A DC  8 O2 ? ? A DG  1 A DC  8 7_556 ? ? ? ? ? ? WATSON-CRICK  ?     ? ? 
hydrog3  hydrog ?    ? A DG  1 O6    ? ? ? 1_555 A DC  8 N4 ? ? A DG  1 A DC  8 7_556 ? ? ? ? ? ? WATSON-CRICK  ?     ? ? 
hydrog4  hydrog ?    ? A UMS 2 N3    ? ? ? 1_555 A DA  7 N1 ? ? A UMS 2 A DA  7 7_556 ? ? ? ? ? ? WATSON-CRICK  ?     ? ? 
hydrog5  hydrog ?    ? A UMS 2 O4    ? ? ? 1_555 A DA  7 N6 ? ? A UMS 2 A DA  7 7_556 ? ? ? ? ? ? WATSON-CRICK  ?     ? ? 
hydrog6  hydrog ?    ? A DG  3 N1    ? ? ? 1_555 A DC  6 N3 ? ? A DG  3 A DC  6 7_556 ? ? ? ? ? ? WATSON-CRICK  ?     ? ? 
hydrog7  hydrog ?    ? A DG  3 N2    ? ? ? 1_555 A DC  6 O2 ? ? A DG  3 A DC  6 7_556 ? ? ? ? ? ? WATSON-CRICK  ?     ? ? 
hydrog8  hydrog ?    ? A DG  3 O6    ? ? ? 1_555 A DC  6 N4 ? ? A DG  3 A DC  6 7_556 ? ? ? ? ? ? WATSON-CRICK  ?     ? ? 
hydrog9  hydrog ?    ? A T4S 4 N3    ? ? ? 1_555 A DA  5 N1 ? ? A T4S 4 A DA  5 7_556 ? ? ? ? ? ? 'T4S-DA PAIR' ?     ? ? 
hydrog10 hydrog ?    ? A DA  5 N1    ? ? ? 1_555 A T4S 4 N3 ? ? A DA  5 A T4S 4 7_556 ? ? ? ? ? ? 'DA-T4S PAIR' ?     ? ? 
hydrog11 hydrog ?    ? A DC  6 N3    ? ? ? 1_555 A DG  3 N1 ? ? A DC  6 A DG  3 7_556 ? ? ? ? ? ? WATSON-CRICK  ?     ? ? 
hydrog12 hydrog ?    ? A DC  6 N4    ? ? ? 1_555 A DG  3 O6 ? ? A DC  6 A DG  3 7_556 ? ? ? ? ? ? WATSON-CRICK  ?     ? ? 
hydrog13 hydrog ?    ? A DC  6 O2    ? ? ? 1_555 A DG  3 N2 ? ? A DC  6 A DG  3 7_556 ? ? ? ? ? ? WATSON-CRICK  ?     ? ? 
hydrog14 hydrog ?    ? A DA  7 N1    ? ? ? 1_555 A UMS 2 N3 ? ? A DA  7 A UMS 2 7_556 ? ? ? ? ? ? WATSON-CRICK  ?     ? ? 
hydrog15 hydrog ?    ? A DA  7 N6    ? ? ? 1_555 A UMS 2 O4 ? ? A DA  7 A UMS 2 7_556 ? ? ? ? ? ? WATSON-CRICK  ?     ? ? 
hydrog16 hydrog ?    ? A DC  8 N3    ? ? ? 1_555 A DG  1 N1 ? ? A DC  8 A DG  1 7_556 ? ? ? ? ? ? WATSON-CRICK  ?     ? ? 
hydrog17 hydrog ?    ? A DC  8 N4    ? ? ? 1_555 A DG  1 O6 ? ? A DC  8 A DG  1 7_556 ? ? ? ? ? ? WATSON-CRICK  ?     ? ? 
hydrog18 hydrog ?    ? A DC  8 O2    ? ? ? 1_555 A DG  1 N2 ? ? A DC  8 A DG  1 7_556 ? ? ? ? ? ? WATSON-CRICK  ?     ? ? 
# 
loop_
_struct_conn_type.id 
_struct_conn_type.criteria 
_struct_conn_type.reference 
covale ? ? 
hydrog ? ? 
# 
_pdbx_validate_rmsd_bond.id                        1 
_pdbx_validate_rmsd_bond.PDB_model_num             1 
_pdbx_validate_rmsd_bond.auth_atom_id_1            C5 
_pdbx_validate_rmsd_bond.auth_asym_id_1            A 
_pdbx_validate_rmsd_bond.auth_comp_id_1            DC 
_pdbx_validate_rmsd_bond.auth_seq_id_1             6 
_pdbx_validate_rmsd_bond.PDB_ins_code_1            ? 
_pdbx_validate_rmsd_bond.label_alt_id_1            ? 
_pdbx_validate_rmsd_bond.auth_atom_id_2            C6 
_pdbx_validate_rmsd_bond.auth_asym_id_2            A 
_pdbx_validate_rmsd_bond.auth_comp_id_2            DC 
_pdbx_validate_rmsd_bond.auth_seq_id_2             6 
_pdbx_validate_rmsd_bond.PDB_ins_code_2            ? 
_pdbx_validate_rmsd_bond.label_alt_id_2            ? 
_pdbx_validate_rmsd_bond.bond_value                1.393 
_pdbx_validate_rmsd_bond.bond_target_value         1.339 
_pdbx_validate_rmsd_bond.bond_deviation            0.054 
_pdbx_validate_rmsd_bond.bond_standard_deviation   0.008 
_pdbx_validate_rmsd_bond.linker_flag               N 
# 
loop_
_pdbx_validate_rmsd_angle.id 
_pdbx_validate_rmsd_angle.PDB_model_num 
_pdbx_validate_rmsd_angle.auth_atom_id_1 
_pdbx_validate_rmsd_angle.auth_asym_id_1 
_pdbx_validate_rmsd_angle.auth_comp_id_1 
_pdbx_validate_rmsd_angle.auth_seq_id_1 
_pdbx_validate_rmsd_angle.PDB_ins_code_1 
_pdbx_validate_rmsd_angle.label_alt_id_1 
_pdbx_validate_rmsd_angle.auth_atom_id_2 
_pdbx_validate_rmsd_angle.auth_asym_id_2 
_pdbx_validate_rmsd_angle.auth_comp_id_2 
_pdbx_validate_rmsd_angle.auth_seq_id_2 
_pdbx_validate_rmsd_angle.PDB_ins_code_2 
_pdbx_validate_rmsd_angle.label_alt_id_2 
_pdbx_validate_rmsd_angle.auth_atom_id_3 
_pdbx_validate_rmsd_angle.auth_asym_id_3 
_pdbx_validate_rmsd_angle.auth_comp_id_3 
_pdbx_validate_rmsd_angle.auth_seq_id_3 
_pdbx_validate_rmsd_angle.PDB_ins_code_3 
_pdbx_validate_rmsd_angle.label_alt_id_3 
_pdbx_validate_rmsd_angle.angle_value 
_pdbx_validate_rmsd_angle.angle_target_value 
_pdbx_validate_rmsd_angle.angle_deviation 
_pdbx_validate_rmsd_angle.angle_standard_deviation 
_pdbx_validate_rmsd_angle.linker_flag 
1 1 "O4'" A DG 1 ? ? "C1'" A DG 1 ? ? N9 A DG 1 ? ? 100.90 108.00 -7.10 0.70 N 
2 1 "O4'" A DG 3 ? ? "C1'" A DG 3 ? ? N9 A DG 3 ? ? 101.85 108.00 -6.15 0.70 N 
# 
loop_
_pdbx_struct_mod_residue.id 
_pdbx_struct_mod_residue.label_asym_id 
_pdbx_struct_mod_residue.label_comp_id 
_pdbx_struct_mod_residue.label_seq_id 
_pdbx_struct_mod_residue.auth_asym_id 
_pdbx_struct_mod_residue.auth_comp_id 
_pdbx_struct_mod_residue.auth_seq_id 
_pdbx_struct_mod_residue.PDB_ins_code 
_pdbx_struct_mod_residue.parent_comp_id 
_pdbx_struct_mod_residue.details 
1 A UMS 2 A UMS 2 ? DU ? 
2 A T4S 4 A T4S 4 ? DT ? 
# 
_pdbx_struct_special_symmetry.id              1 
_pdbx_struct_special_symmetry.PDB_model_num   1 
_pdbx_struct_special_symmetry.auth_asym_id    A 
_pdbx_struct_special_symmetry.auth_comp_id    HOH 
_pdbx_struct_special_symmetry.auth_seq_id     40 
_pdbx_struct_special_symmetry.PDB_ins_code    ? 
_pdbx_struct_special_symmetry.label_asym_id   B 
_pdbx_struct_special_symmetry.label_comp_id   HOH 
_pdbx_struct_special_symmetry.label_seq_id    . 
# 
loop_
_chem_comp_atom.comp_id 
_chem_comp_atom.atom_id 
_chem_comp_atom.type_symbol 
_chem_comp_atom.pdbx_aromatic_flag 
_chem_comp_atom.pdbx_stereo_config 
_chem_comp_atom.pdbx_ordinal 
DA  OP3    O  N N 1   
DA  P      P  N N 2   
DA  OP1    O  N N 3   
DA  OP2    O  N N 4   
DA  "O5'"  O  N N 5   
DA  "C5'"  C  N N 6   
DA  "C4'"  C  N R 7   
DA  "O4'"  O  N N 8   
DA  "C3'"  C  N S 9   
DA  "O3'"  O  N N 10  
DA  "C2'"  C  N N 11  
DA  "C1'"  C  N R 12  
DA  N9     N  Y N 13  
DA  C8     C  Y N 14  
DA  N7     N  Y N 15  
DA  C5     C  Y N 16  
DA  C6     C  Y N 17  
DA  N6     N  N N 18  
DA  N1     N  Y N 19  
DA  C2     C  Y N 20  
DA  N3     N  Y N 21  
DA  C4     C  Y N 22  
DA  HOP3   H  N N 23  
DA  HOP2   H  N N 24  
DA  "H5'"  H  N N 25  
DA  "H5''" H  N N 26  
DA  "H4'"  H  N N 27  
DA  "H3'"  H  N N 28  
DA  "HO3'" H  N N 29  
DA  "H2'"  H  N N 30  
DA  "H2''" H  N N 31  
DA  "H1'"  H  N N 32  
DA  H8     H  N N 33  
DA  H61    H  N N 34  
DA  H62    H  N N 35  
DA  H2     H  N N 36  
DC  OP3    O  N N 37  
DC  P      P  N N 38  
DC  OP1    O  N N 39  
DC  OP2    O  N N 40  
DC  "O5'"  O  N N 41  
DC  "C5'"  C  N N 42  
DC  "C4'"  C  N R 43  
DC  "O4'"  O  N N 44  
DC  "C3'"  C  N S 45  
DC  "O3'"  O  N N 46  
DC  "C2'"  C  N N 47  
DC  "C1'"  C  N R 48  
DC  N1     N  N N 49  
DC  C2     C  N N 50  
DC  O2     O  N N 51  
DC  N3     N  N N 52  
DC  C4     C  N N 53  
DC  N4     N  N N 54  
DC  C5     C  N N 55  
DC  C6     C  N N 56  
DC  HOP3   H  N N 57  
DC  HOP2   H  N N 58  
DC  "H5'"  H  N N 59  
DC  "H5''" H  N N 60  
DC  "H4'"  H  N N 61  
DC  "H3'"  H  N N 62  
DC  "HO3'" H  N N 63  
DC  "H2'"  H  N N 64  
DC  "H2''" H  N N 65  
DC  "H1'"  H  N N 66  
DC  H41    H  N N 67  
DC  H42    H  N N 68  
DC  H5     H  N N 69  
DC  H6     H  N N 70  
DG  OP3    O  N N 71  
DG  P      P  N N 72  
DG  OP1    O  N N 73  
DG  OP2    O  N N 74  
DG  "O5'"  O  N N 75  
DG  "C5'"  C  N N 76  
DG  "C4'"  C  N R 77  
DG  "O4'"  O  N N 78  
DG  "C3'"  C  N S 79  
DG  "O3'"  O  N N 80  
DG  "C2'"  C  N N 81  
DG  "C1'"  C  N R 82  
DG  N9     N  Y N 83  
DG  C8     C  Y N 84  
DG  N7     N  Y N 85  
DG  C5     C  Y N 86  
DG  C6     C  N N 87  
DG  O6     O  N N 88  
DG  N1     N  N N 89  
DG  C2     C  N N 90  
DG  N2     N  N N 91  
DG  N3     N  N N 92  
DG  C4     C  Y N 93  
DG  HOP3   H  N N 94  
DG  HOP2   H  N N 95  
DG  "H5'"  H  N N 96  
DG  "H5''" H  N N 97  
DG  "H4'"  H  N N 98  
DG  "H3'"  H  N N 99  
DG  "HO3'" H  N N 100 
DG  "H2'"  H  N N 101 
DG  "H2''" H  N N 102 
DG  "H1'"  H  N N 103 
DG  H8     H  N N 104 
DG  H1     H  N N 105 
DG  H21    H  N N 106 
DG  H22    H  N N 107 
HOH O      O  N N 108 
HOH H1     H  N N 109 
HOH H2     H  N N 110 
T4S OP3    O  N N 111 
T4S P      P  N N 112 
T4S OP1    O  N N 113 
T4S OP2    O  N N 114 
T4S "O5'"  O  N N 115 
T4S N1     N  N N 116 
T4S C6     C  N N 117 
T4S C2     C  N N 118 
T4S O2     O  N N 119 
T4S N3     N  N N 120 
T4S C4     C  N N 121 
T4S SE     SE N N 122 
T4S C5     C  N N 123 
T4S C5A    C  N N 124 
T4S "C2'"  C  N N 125 
T4S "C5'"  C  N N 126 
T4S "C4'"  C  N R 127 
T4S "O4'"  O  N N 128 
T4S "C1'"  C  N R 129 
T4S "C3'"  C  N S 130 
T4S "O3'"  O  N N 131 
T4S HOP3   H  N N 132 
T4S HOP2   H  N N 133 
T4S H6     H  N N 134 
T4S HSE    H  N N 135 
T4S H5A1   H  N N 136 
T4S H5A2   H  N N 137 
T4S H5A3   H  N N 138 
T4S "H2'"  H  N N 139 
T4S "H2''" H  N N 140 
T4S "H5'"  H  N N 141 
T4S "H5''" H  N N 142 
T4S "H4'"  H  N N 143 
T4S "H1'"  H  N N 144 
T4S "H3'"  H  N N 145 
T4S "HO3'" H  N N 146 
UMS OP3    O  N N 147 
UMS P      P  N N 148 
UMS OP1    O  N N 149 
UMS OP2    O  N N 150 
UMS "O5'"  O  N N 151 
UMS "C5'"  C  N N 152 
UMS "C4'"  C  N R 153 
UMS "O4'"  O  N N 154 
UMS "C3'"  C  N R 155 
UMS "O3'"  O  N N 156 
UMS "C2'"  C  N R 157 
UMS "SE2'" SE N N 158 
UMS "C1'"  C  N R 159 
UMS "CA'"  C  N N 160 
UMS N1     N  N N 161 
UMS C2     C  N N 162 
UMS O2     O  N N 163 
UMS N3     N  N N 164 
UMS C4     C  N N 165 
UMS O4     O  N N 166 
UMS C5     C  N N 167 
UMS C6     C  N N 168 
UMS HOP3   H  N N 169 
UMS HOP2   H  N N 170 
UMS "H5'"  H  N N 171 
UMS "H5'2" H  N N 172 
UMS "H4'"  H  N N 173 
UMS "H3'"  H  N N 174 
UMS "HO3'" H  N N 175 
UMS "H2'"  H  N N 176 
UMS "H1'"  H  N N 177 
UMS "HA'"  H  N N 178 
UMS "HA'2" H  N N 179 
UMS "HA'3" H  N N 180 
UMS H3     H  N N 181 
UMS H5     H  N N 182 
UMS H6     H  N N 183 
# 
loop_
_chem_comp_bond.comp_id 
_chem_comp_bond.atom_id_1 
_chem_comp_bond.atom_id_2 
_chem_comp_bond.value_order 
_chem_comp_bond.pdbx_aromatic_flag 
_chem_comp_bond.pdbx_stereo_config 
_chem_comp_bond.pdbx_ordinal 
DA  OP3    P      sing N N 1   
DA  OP3    HOP3   sing N N 2   
DA  P      OP1    doub N N 3   
DA  P      OP2    sing N N 4   
DA  P      "O5'"  sing N N 5   
DA  OP2    HOP2   sing N N 6   
DA  "O5'"  "C5'"  sing N N 7   
DA  "C5'"  "C4'"  sing N N 8   
DA  "C5'"  "H5'"  sing N N 9   
DA  "C5'"  "H5''" sing N N 10  
DA  "C4'"  "O4'"  sing N N 11  
DA  "C4'"  "C3'"  sing N N 12  
DA  "C4'"  "H4'"  sing N N 13  
DA  "O4'"  "C1'"  sing N N 14  
DA  "C3'"  "O3'"  sing N N 15  
DA  "C3'"  "C2'"  sing N N 16  
DA  "C3'"  "H3'"  sing N N 17  
DA  "O3'"  "HO3'" sing N N 18  
DA  "C2'"  "C1'"  sing N N 19  
DA  "C2'"  "H2'"  sing N N 20  
DA  "C2'"  "H2''" sing N N 21  
DA  "C1'"  N9     sing N N 22  
DA  "C1'"  "H1'"  sing N N 23  
DA  N9     C8     sing Y N 24  
DA  N9     C4     sing Y N 25  
DA  C8     N7     doub Y N 26  
DA  C8     H8     sing N N 27  
DA  N7     C5     sing Y N 28  
DA  C5     C6     sing Y N 29  
DA  C5     C4     doub Y N 30  
DA  C6     N6     sing N N 31  
DA  C6     N1     doub Y N 32  
DA  N6     H61    sing N N 33  
DA  N6     H62    sing N N 34  
DA  N1     C2     sing Y N 35  
DA  C2     N3     doub Y N 36  
DA  C2     H2     sing N N 37  
DA  N3     C4     sing Y N 38  
DC  OP3    P      sing N N 39  
DC  OP3    HOP3   sing N N 40  
DC  P      OP1    doub N N 41  
DC  P      OP2    sing N N 42  
DC  P      "O5'"  sing N N 43  
DC  OP2    HOP2   sing N N 44  
DC  "O5'"  "C5'"  sing N N 45  
DC  "C5'"  "C4'"  sing N N 46  
DC  "C5'"  "H5'"  sing N N 47  
DC  "C5'"  "H5''" sing N N 48  
DC  "C4'"  "O4'"  sing N N 49  
DC  "C4'"  "C3'"  sing N N 50  
DC  "C4'"  "H4'"  sing N N 51  
DC  "O4'"  "C1'"  sing N N 52  
DC  "C3'"  "O3'"  sing N N 53  
DC  "C3'"  "C2'"  sing N N 54  
DC  "C3'"  "H3'"  sing N N 55  
DC  "O3'"  "HO3'" sing N N 56  
DC  "C2'"  "C1'"  sing N N 57  
DC  "C2'"  "H2'"  sing N N 58  
DC  "C2'"  "H2''" sing N N 59  
DC  "C1'"  N1     sing N N 60  
DC  "C1'"  "H1'"  sing N N 61  
DC  N1     C2     sing N N 62  
DC  N1     C6     sing N N 63  
DC  C2     O2     doub N N 64  
DC  C2     N3     sing N N 65  
DC  N3     C4     doub N N 66  
DC  C4     N4     sing N N 67  
DC  C4     C5     sing N N 68  
DC  N4     H41    sing N N 69  
DC  N4     H42    sing N N 70  
DC  C5     C6     doub N N 71  
DC  C5     H5     sing N N 72  
DC  C6     H6     sing N N 73  
DG  OP3    P      sing N N 74  
DG  OP3    HOP3   sing N N 75  
DG  P      OP1    doub N N 76  
DG  P      OP2    sing N N 77  
DG  P      "O5'"  sing N N 78  
DG  OP2    HOP2   sing N N 79  
DG  "O5'"  "C5'"  sing N N 80  
DG  "C5'"  "C4'"  sing N N 81  
DG  "C5'"  "H5'"  sing N N 82  
DG  "C5'"  "H5''" sing N N 83  
DG  "C4'"  "O4'"  sing N N 84  
DG  "C4'"  "C3'"  sing N N 85  
DG  "C4'"  "H4'"  sing N N 86  
DG  "O4'"  "C1'"  sing N N 87  
DG  "C3'"  "O3'"  sing N N 88  
DG  "C3'"  "C2'"  sing N N 89  
DG  "C3'"  "H3'"  sing N N 90  
DG  "O3'"  "HO3'" sing N N 91  
DG  "C2'"  "C1'"  sing N N 92  
DG  "C2'"  "H2'"  sing N N 93  
DG  "C2'"  "H2''" sing N N 94  
DG  "C1'"  N9     sing N N 95  
DG  "C1'"  "H1'"  sing N N 96  
DG  N9     C8     sing Y N 97  
DG  N9     C4     sing Y N 98  
DG  C8     N7     doub Y N 99  
DG  C8     H8     sing N N 100 
DG  N7     C5     sing Y N 101 
DG  C5     C6     sing N N 102 
DG  C5     C4     doub Y N 103 
DG  C6     O6     doub N N 104 
DG  C6     N1     sing N N 105 
DG  N1     C2     sing N N 106 
DG  N1     H1     sing N N 107 
DG  C2     N2     sing N N 108 
DG  C2     N3     doub N N 109 
DG  N2     H21    sing N N 110 
DG  N2     H22    sing N N 111 
DG  N3     C4     sing N N 112 
HOH O      H1     sing N N 113 
HOH O      H2     sing N N 114 
T4S OP3    P      sing N N 115 
T4S OP3    HOP3   sing N N 116 
T4S P      OP1    doub N N 117 
T4S P      OP2    sing N N 118 
T4S P      "O5'"  sing N N 119 
T4S OP2    HOP2   sing N N 120 
T4S "O5'"  "C5'"  sing N N 121 
T4S N1     "C1'"  sing N N 122 
T4S N1     C6     sing N N 123 
T4S N1     C2     sing N N 124 
T4S C6     C5     doub N N 125 
T4S C6     H6     sing N N 126 
T4S C2     O2     doub N N 127 
T4S C2     N3     sing N N 128 
T4S N3     C4     doub N N 129 
T4S C4     C5     sing N N 130 
T4S C4     SE     sing N N 131 
T4S SE     HSE    sing N N 132 
T4S C5     C5A    sing N N 133 
T4S C5A    H5A1   sing N N 134 
T4S C5A    H5A2   sing N N 135 
T4S C5A    H5A3   sing N N 136 
T4S "C2'"  "C3'"  sing N N 137 
T4S "C2'"  "C1'"  sing N N 138 
T4S "C2'"  "H2'"  sing N N 139 
T4S "C2'"  "H2''" sing N N 140 
T4S "C5'"  "C4'"  sing N N 141 
T4S "C5'"  "H5'"  sing N N 142 
T4S "C5'"  "H5''" sing N N 143 
T4S "C4'"  "C3'"  sing N N 144 
T4S "C4'"  "O4'"  sing N N 145 
T4S "C4'"  "H4'"  sing N N 146 
T4S "O4'"  "C1'"  sing N N 147 
T4S "C1'"  "H1'"  sing N N 148 
T4S "C3'"  "O3'"  sing N N 149 
T4S "C3'"  "H3'"  sing N N 150 
T4S "O3'"  "HO3'" sing N N 151 
UMS OP3    P      sing N N 152 
UMS OP3    HOP3   sing N N 153 
UMS P      OP1    doub N N 154 
UMS P      OP2    sing N N 155 
UMS P      "O5'"  sing N N 156 
UMS OP2    HOP2   sing N N 157 
UMS "O5'"  "C5'"  sing N N 158 
UMS "C5'"  "C4'"  sing N N 159 
UMS "C5'"  "H5'"  sing N N 160 
UMS "C5'"  "H5'2" sing N N 161 
UMS "C4'"  "O4'"  sing N N 162 
UMS "C4'"  "C3'"  sing N N 163 
UMS "C4'"  "H4'"  sing N N 164 
UMS "O4'"  "C1'"  sing N N 165 
UMS "C3'"  "O3'"  sing N N 166 
UMS "C3'"  "C2'"  sing N N 167 
UMS "C3'"  "H3'"  sing N N 168 
UMS "O3'"  "HO3'" sing N N 169 
UMS "C2'"  "SE2'" sing N N 170 
UMS "C2'"  "C1'"  sing N N 171 
UMS "C2'"  "H2'"  sing N N 172 
UMS "SE2'" "CA'"  sing N N 173 
UMS "C1'"  N1     sing N N 174 
UMS "C1'"  "H1'"  sing N N 175 
UMS "CA'"  "HA'"  sing N N 176 
UMS "CA'"  "HA'2" sing N N 177 
UMS "CA'"  "HA'3" sing N N 178 
UMS N1     C2     sing N N 179 
UMS N1     C6     sing N N 180 
UMS C2     O2     doub N N 181 
UMS C2     N3     sing N N 182 
UMS N3     C4     sing N N 183 
UMS N3     H3     sing N N 184 
UMS C4     O4     doub N N 185 
UMS C4     C5     sing N N 186 
UMS C5     C6     doub N N 187 
UMS C5     H5     sing N N 188 
UMS C6     H6     sing N N 189 
# 
_ndb_struct_conf_na.entry_id   2NSK 
_ndb_struct_conf_na.feature    'a-form double helix' 
# 
loop_
_ndb_struct_na_base_pair.model_number 
_ndb_struct_na_base_pair.i_label_asym_id 
_ndb_struct_na_base_pair.i_label_comp_id 
_ndb_struct_na_base_pair.i_label_seq_id 
_ndb_struct_na_base_pair.i_symmetry 
_ndb_struct_na_base_pair.j_label_asym_id 
_ndb_struct_na_base_pair.j_label_comp_id 
_ndb_struct_na_base_pair.j_label_seq_id 
_ndb_struct_na_base_pair.j_symmetry 
_ndb_struct_na_base_pair.shear 
_ndb_struct_na_base_pair.stretch 
_ndb_struct_na_base_pair.stagger 
_ndb_struct_na_base_pair.buckle 
_ndb_struct_na_base_pair.propeller 
_ndb_struct_na_base_pair.opening 
_ndb_struct_na_base_pair.pair_number 
_ndb_struct_na_base_pair.pair_name 
_ndb_struct_na_base_pair.i_auth_asym_id 
_ndb_struct_na_base_pair.i_auth_seq_id 
_ndb_struct_na_base_pair.i_PDB_ins_code 
_ndb_struct_na_base_pair.j_auth_asym_id 
_ndb_struct_na_base_pair.j_auth_seq_id 
_ndb_struct_na_base_pair.j_PDB_ins_code 
_ndb_struct_na_base_pair.hbond_type_28 
_ndb_struct_na_base_pair.hbond_type_12 
1 A DG  1 1_555 A DC  8 7_556 -0.342 -0.075 -0.261 -17.182 -11.633 -1.213 1 A_DG1:DC8_A  A 1 ? A 8 ? 19 1 
1 A UMS 2 1_555 A DA  7 7_556 0.082  -0.109 0.189  -8.420  -11.046 2.596  2 A_UMS2:DA7_A A 2 ? A 7 ? 20 1 
1 A DG  3 1_555 A DC  6 7_556 -0.165 -0.125 0.160  -5.577  -13.244 2.030  3 A_DG3:DC6_A  A 3 ? A 6 ? 19 1 
1 A T4S 4 1_555 A DA  5 7_556 0.390  0.058  0.491  -6.622  -11.889 3.664  4 A_T4S4:DA5_A A 4 ? A 5 ? ?  ? 
1 A DA  5 1_555 A T4S 4 7_556 -0.390 0.058  0.491  6.622   -11.889 3.664  5 A_DA5:T4S4_A A 5 ? A 4 ? ?  ? 
1 A DC  6 1_555 A DG  3 7_556 0.165  -0.125 0.160  5.577   -13.244 2.030  6 A_DC6:DG3_A  A 6 ? A 3 ? 19 1 
1 A DA  7 1_555 A UMS 2 7_556 -0.082 -0.109 0.189  8.420   -11.046 2.596  7 A_DA7:UMS2_A A 7 ? A 2 ? 20 1 
1 A DC  8 1_555 A DG  1 7_556 0.342  -0.075 -0.261 17.182  -11.633 -1.213 8 A_DC8:DG1_A  A 8 ? A 1 ? 19 1 
# 
loop_
_ndb_struct_na_base_pair_step.model_number 
_ndb_struct_na_base_pair_step.i_label_asym_id_1 
_ndb_struct_na_base_pair_step.i_label_comp_id_1 
_ndb_struct_na_base_pair_step.i_label_seq_id_1 
_ndb_struct_na_base_pair_step.i_symmetry_1 
_ndb_struct_na_base_pair_step.j_label_asym_id_1 
_ndb_struct_na_base_pair_step.j_label_comp_id_1 
_ndb_struct_na_base_pair_step.j_label_seq_id_1 
_ndb_struct_na_base_pair_step.j_symmetry_1 
_ndb_struct_na_base_pair_step.i_label_asym_id_2 
_ndb_struct_na_base_pair_step.i_label_comp_id_2 
_ndb_struct_na_base_pair_step.i_label_seq_id_2 
_ndb_struct_na_base_pair_step.i_symmetry_2 
_ndb_struct_na_base_pair_step.j_label_asym_id_2 
_ndb_struct_na_base_pair_step.j_label_comp_id_2 
_ndb_struct_na_base_pair_step.j_label_seq_id_2 
_ndb_struct_na_base_pair_step.j_symmetry_2 
_ndb_struct_na_base_pair_step.shift 
_ndb_struct_na_base_pair_step.slide 
_ndb_struct_na_base_pair_step.rise 
_ndb_struct_na_base_pair_step.tilt 
_ndb_struct_na_base_pair_step.roll 
_ndb_struct_na_base_pair_step.twist 
_ndb_struct_na_base_pair_step.x_displacement 
_ndb_struct_na_base_pair_step.y_displacement 
_ndb_struct_na_base_pair_step.helical_rise 
_ndb_struct_na_base_pair_step.inclination 
_ndb_struct_na_base_pair_step.tip 
_ndb_struct_na_base_pair_step.helical_twist 
_ndb_struct_na_base_pair_step.step_number 
_ndb_struct_na_base_pair_step.step_name 
_ndb_struct_na_base_pair_step.i_auth_asym_id_1 
_ndb_struct_na_base_pair_step.i_auth_seq_id_1 
_ndb_struct_na_base_pair_step.i_PDB_ins_code_1 
_ndb_struct_na_base_pair_step.j_auth_asym_id_1 
_ndb_struct_na_base_pair_step.j_auth_seq_id_1 
_ndb_struct_na_base_pair_step.j_PDB_ins_code_1 
_ndb_struct_na_base_pair_step.i_auth_asym_id_2 
_ndb_struct_na_base_pair_step.i_auth_seq_id_2 
_ndb_struct_na_base_pair_step.i_PDB_ins_code_2 
_ndb_struct_na_base_pair_step.j_auth_asym_id_2 
_ndb_struct_na_base_pair_step.j_auth_seq_id_2 
_ndb_struct_na_base_pair_step.j_PDB_ins_code_2 
1 A DG  1 1_555 A DC  8 7_556 A UMS 2 1_555 A DA  7 7_556 0.517  -0.967 3.177 -2.287 11.552 31.710 -3.381 -1.230 2.632 20.288 
4.016  33.774 1 AA_DG1UMS2:DA7DC8_AA  A 1 ? A 8 ? A 2 ? A 7 ? 
1 A UMS 2 1_555 A DA  7 7_556 A DG  3 1_555 A DC  6 7_556 0.560  -1.510 3.039 1.752  13.615 29.354 -4.729 -0.746 2.172 25.204 
-3.242 32.341 2 AA_UMS2DG3:DC6DA7_AA  A 2 ? A 7 ? A 3 ? A 6 ? 
1 A DG  3 1_555 A DC  6 7_556 A T4S 4 1_555 A DA  5 7_556 -0.101 -1.387 3.292 -0.848 0.122  38.043 -2.142 0.047  3.289 0.186  
1.301  38.053 3 AA_DG3T4S4:DA5DC6_AA  A 3 ? A 6 ? A 4 ? A 5 ? 
1 A T4S 4 1_555 A DA  5 7_556 A DA  5 1_555 A T4S 4 7_556 0.000  -1.617 2.784 0.000  5.926  23.143 -5.435 0.000  2.303 14.469 
0.000  23.880 4 AA_T4S4DA5:T4S4DA5_AA A 4 ? A 5 ? A 5 ? A 4 ? 
1 A DA  5 1_555 A T4S 4 7_556 A DC  6 1_555 A DG  3 7_556 0.101  -1.387 3.292 0.848  0.122  38.043 -2.142 -0.047 3.289 0.187  
-1.301 38.053 5 AA_DA5DC6:DG3T4S4_AA  A 5 ? A 4 ? A 6 ? A 3 ? 
1 A DC  6 1_555 A DG  3 7_556 A DA  7 1_555 A UMS 2 7_556 -0.560 -1.510 3.039 -1.752 13.615 29.354 -4.729 0.746  2.172 25.204 
3.242  32.341 6 AA_DC6DA7:UMS2DG3_AA  A 6 ? A 3 ? A 7 ? A 2 ? 
1 A DA  7 1_555 A UMS 2 7_556 A DC  8 1_555 A DG  1 7_556 -0.517 -0.967 3.177 2.287  11.552 31.710 -3.381 1.230  2.632 20.288 
-4.016 33.774 7 AA_DA7DC8:DG1UMS2_AA  A 7 ? A 2 ? A 8 ? A 1 ? 
# 
_atom_sites.entry_id                    2NSK 
_atom_sites.fract_transf_matrix[1][1]   0.00407876 
_atom_sites.fract_transf_matrix[1][2]   -0.01444917 
_atom_sites.fract_transf_matrix[1][3]   0.01825761 
_atom_sites.fract_transf_matrix[2][1]   0.00365048 
_atom_sites.fract_transf_matrix[2][2]   0.01870325 
_atom_sites.fract_transf_matrix[2][3]   0.01398633 
_atom_sites.fract_transf_matrix[3][1]   -0.04081170 
_atom_sites.fract_transf_matrix[3][2]   0.00072094 
_atom_sites.fract_transf_matrix[3][3]   0.00968791 
_atom_sites.fract_transf_vector[1]      0.221934 
_atom_sites.fract_transf_vector[2]      0.232454 
_atom_sites.fract_transf_vector[3]      0.392175 
# 
loop_
_atom_type.symbol 
C  
N  
O  
P  
SE 
# 
loop_
_atom_site.group_PDB 
_atom_site.id 
_atom_site.type_symbol 
_atom_site.label_atom_id 
_atom_site.label_alt_id 
_atom_site.label_comp_id 
_atom_site.label_asym_id 
_atom_site.label_entity_id 
_atom_site.label_seq_id 
_atom_site.pdbx_PDB_ins_code 
_atom_site.Cartn_x 
_atom_site.Cartn_y 
_atom_site.Cartn_z 
_atom_site.occupancy 
_atom_site.B_iso_or_equiv 
_atom_site.pdbx_formal_charge 
_atom_site.auth_seq_id 
_atom_site.auth_comp_id 
_atom_site.auth_asym_id 
_atom_site.auth_atom_id 
_atom_site.pdbx_PDB_model_num 
ATOM   1   O  "O5'"  . DG  A 1 1 ? -10.106 5.252   -8.495  1.00 23.97 ? 1  DG  A "O5'"  1 
ATOM   2   C  "C5'"  . DG  A 1 1 ? -10.116 6.046   -9.659  1.00 21.33 ? 1  DG  A "C5'"  1 
ATOM   3   C  "C4'"  . DG  A 1 1 ? -9.271  7.295   -9.559  1.00 20.51 ? 1  DG  A "C4'"  1 
ATOM   4   O  "O4'"  . DG  A 1 1 ? -9.851  8.156   -8.546  1.00 20.66 ? 1  DG  A "O4'"  1 
ATOM   5   C  "C3'"  . DG  A 1 1 ? -7.831  7.072   -9.103  1.00 20.67 ? 1  DG  A "C3'"  1 
ATOM   6   O  "O3'"  . DG  A 1 1 ? -6.929  6.837   -10.180 1.00 21.13 ? 1  DG  A "O3'"  1 
ATOM   7   C  "C2'"  . DG  A 1 1 ? -7.491  8.381   -8.400  1.00 20.44 ? 1  DG  A "C2'"  1 
ATOM   8   C  "C1'"  . DG  A 1 1 ? -8.818  8.935   -7.918  1.00 19.65 ? 1  DG  A "C1'"  1 
ATOM   9   N  N9     . DG  A 1 1 ? -8.904  8.447   -6.536  1.00 19.26 ? 1  DG  A N9     1 
ATOM   10  C  C8     . DG  A 1 1 ? -9.495  7.290   -6.060  1.00 18.23 ? 1  DG  A C8     1 
ATOM   11  N  N7     . DG  A 1 1 ? -9.330  7.115   -4.777  1.00 19.36 ? 1  DG  A N7     1 
ATOM   12  C  C5     . DG  A 1 1 ? -8.598  8.219   -4.367  1.00 19.02 ? 1  DG  A C5     1 
ATOM   13  C  C6     . DG  A 1 1 ? -8.125  8.609   -3.043  1.00 19.33 ? 1  DG  A C6     1 
ATOM   14  O  O6     . DG  A 1 1 ? -8.282  8.020   -1.966  1.00 21.66 ? 1  DG  A O6     1 
ATOM   15  N  N1     . DG  A 1 1 ? -7.435  9.815   -3.099  1.00 18.88 ? 1  DG  A N1     1 
ATOM   16  C  C2     . DG  A 1 1 ? -7.226  10.558  -4.225  1.00 20.51 ? 1  DG  A C2     1 
ATOM   17  N  N2     . DG  A 1 1 ? -6.542  11.688  -4.050  1.00 23.08 ? 1  DG  A N2     1 
ATOM   18  N  N3     . DG  A 1 1 ? -7.657  10.221  -5.440  1.00 19.79 ? 1  DG  A N3     1 
ATOM   19  C  C4     . DG  A 1 1 ? -8.327  9.053   -5.437  1.00 18.98 ? 1  DG  A C4     1 
HETATM 20  P  P      . UMS A 1 2 ? -5.677  5.848   -9.965  1.00 22.87 ? 2  UMS A P      1 
HETATM 21  O  OP1    . UMS A 1 2 ? -5.080  5.635   -11.303 1.00 23.74 ? 2  UMS A OP1    1 
HETATM 22  O  OP2    . UMS A 1 2 ? -6.056  4.687   -9.137  1.00 23.24 ? 2  UMS A OP2    1 
HETATM 23  O  "O5'"  . UMS A 1 2 ? -4.664  6.703   -9.087  1.00 22.17 ? 2  UMS A "O5'"  1 
HETATM 24  C  "C5'"  . UMS A 1 2 ? -4.087  7.856   -9.630  1.00 21.67 ? 2  UMS A "C5'"  1 
HETATM 25  C  "C4'"  . UMS A 1 2 ? -3.328  8.638   -8.591  1.00 22.11 ? 2  UMS A "C4'"  1 
HETATM 26  O  "O4'"  . UMS A 1 2 ? -4.280  9.104   -7.596  1.00 20.99 ? 2  UMS A "O4'"  1 
HETATM 27  C  "C3'"  . UMS A 1 2 ? -2.333  7.847   -7.760  1.00 22.99 ? 2  UMS A "C3'"  1 
HETATM 28  O  "O3'"  . UMS A 1 2 ? -1.070  7.708   -8.348  1.00 24.44 ? 2  UMS A "O3'"  1 
HETATM 29  C  "C2'"  . UMS A 1 2 ? -2.209  8.695   -6.504  1.00 22.93 ? 2  UMS A "C2'"  1 
HETATM 30  SE "SE2'" . UMS A 1 2 ? -1.117  10.419  -7.020  0.80 23.57 ? 2  UMS A "SE2'" 1 
HETATM 31  C  "C1'"  . UMS A 1 2 ? -3.600  9.243   -6.327  1.00 21.00 ? 2  UMS A "C1'"  1 
HETATM 32  C  "CA'"  . UMS A 1 2 ? -0.833  11.187  -5.242  1.00 26.66 ? 2  UMS A "CA'"  1 
HETATM 33  N  N1     . UMS A 1 2 ? -4.350  8.274   -5.448  1.00 19.40 ? 2  UMS A N1     1 
HETATM 34  C  C2     . UMS A 1 2 ? -4.170  8.447   -4.077  1.00 20.06 ? 2  UMS A C2     1 
HETATM 35  O  O2     . UMS A 1 2 ? -3.490  9.343   -3.619  1.00 20.24 ? 2  UMS A O2     1 
HETATM 36  N  N3     . UMS A 1 2 ? -4.806  7.530   -3.261  1.00 19.68 ? 2  UMS A N3     1 
HETATM 37  C  C4     . UMS A 1 2 ? -5.595  6.469   -3.641  1.00 16.61 ? 2  UMS A C4     1 
HETATM 38  O  O4     . UMS A 1 2 ? -6.100  5.730   -2.790  1.00 17.84 ? 2  UMS A O4     1 
HETATM 39  C  C5     . UMS A 1 2 ? -5.765  6.316   -5.128  1.00 17.64 ? 2  UMS A C5     1 
HETATM 40  C  C6     . UMS A 1 2 ? -5.134  7.249   -5.940  1.00 17.62 ? 2  UMS A C6     1 
ATOM   41  P  P      . DG  A 1 3 ? -0.272  6.312   -8.128  1.00 26.02 ? 3  DG  A P      1 
ATOM   42  O  OP1    . DG  A 1 3 ? 0.789   6.251   -9.141  1.00 28.86 ? 3  DG  A OP1    1 
ATOM   43  O  OP2    . DG  A 1 3 ? -1.209  5.177   -7.968  1.00 28.45 ? 3  DG  A OP2    1 
ATOM   44  O  "O5'"  . DG  A 1 3 ? 0.391   6.467   -6.695  1.00 27.20 ? 3  DG  A "O5'"  1 
ATOM   45  C  "C5'"  . DG  A 1 3 ? 1.235   7.561   -6.433  1.00 27.26 ? 3  DG  A "C5'"  1 
ATOM   46  C  "C4'"  . DG  A 1 3 ? 1.418   7.751   -4.949  1.00 26.80 ? 3  DG  A "C4'"  1 
ATOM   47  O  "O4'"  . DG  A 1 3 ? 0.090   7.907   -4.370  1.00 26.10 ? 3  DG  A "O4'"  1 
ATOM   48  C  "C3'"  . DG  A 1 3 ? 2.018   6.553   -4.209  1.00 27.21 ? 3  DG  A "C3'"  1 
ATOM   49  O  "O3'"  . DG  A 1 3 ? 3.432   6.610   -4.002  1.00 26.98 ? 3  DG  A "O3'"  1 
ATOM   50  C  "C2'"  . DG  A 1 3 ? 1.347   6.602   -2.848  1.00 26.54 ? 3  DG  A "C2'"  1 
ATOM   51  C  "C1'"  . DG  A 1 3 ? 0.167   7.551   -2.993  1.00 24.62 ? 3  DG  A "C1'"  1 
ATOM   52  N  N9     . DG  A 1 3 ? -0.975  6.644   -2.853  1.00 23.23 ? 3  DG  A N9     1 
ATOM   53  C  C8     . DG  A 1 3 ? -1.690  5.954   -3.805  1.00 21.48 ? 3  DG  A C8     1 
ATOM   54  N  N7     . DG  A 1 3 ? -2.607  5.170   -3.295  1.00 20.78 ? 3  DG  A N7     1 
ATOM   55  C  C5     . DG  A 1 3 ? -2.479  5.353   -1.923  1.00 19.32 ? 3  DG  A C5     1 
ATOM   56  C  C6     . DG  A 1 3 ? -3.200  4.755   -0.801  1.00 17.24 ? 3  DG  A C6     1 
ATOM   57  O  O6     . DG  A 1 3 ? -4.122  3.941   -0.828  1.00 19.17 ? 3  DG  A O6     1 
ATOM   58  N  N1     . DG  A 1 3 ? -2.719  5.234   0.418   1.00 18.17 ? 3  DG  A N1     1 
ATOM   59  C  C2     . DG  A 1 3 ? -1.720  6.163   0.579   1.00 18.32 ? 3  DG  A C2     1 
ATOM   60  N  N2     . DG  A 1 3 ? -1.414  6.523   1.856   1.00 19.23 ? 3  DG  A N2     1 
ATOM   61  N  N3     . DG  A 1 3 ? -1.068  6.717   -0.435  1.00 20.31 ? 3  DG  A N3     1 
ATOM   62  C  C4     . DG  A 1 3 ? -1.493  6.267   -1.636  1.00 21.03 ? 3  DG  A C4     1 
HETATM 63  P  P      . T4S A 1 4 ? 4.207   5.270   -3.545  1.00 27.54 ? 4  T4S A P      1 
HETATM 64  O  OP1    . T4S A 1 4 ? 5.662   5.547   -3.800  1.00 30.03 ? 4  T4S A OP1    1 
HETATM 65  O  OP2    . T4S A 1 4 ? 3.603   4.077   -4.098  1.00 26.63 ? 4  T4S A OP2    1 
HETATM 66  O  "O5'"  . T4S A 1 4 ? 3.952   5.217   -1.969  1.00 25.99 ? 4  T4S A "O5'"  1 
HETATM 67  N  N1     . T4S A 1 4 ? 1.281   4.250   0.796   1.00 19.51 ? 4  T4S A N1     1 
HETATM 68  C  C6     . T4S A 1 4 ? 1.336   4.150   -0.571  1.00 19.24 ? 4  T4S A C6     1 
HETATM 69  C  C2     . T4S A 1 4 ? 0.361   3.526   1.541   1.00 17.66 ? 4  T4S A C2     1 
HETATM 70  O  O2     . T4S A 1 4 ? 0.316   3.573   2.761   1.00 19.41 ? 4  T4S A O2     1 
HETATM 71  N  N3     . T4S A 1 4 ? -0.491  2.716   0.801   1.00 18.22 ? 4  T4S A N3     1 
HETATM 72  C  C4     . T4S A 1 4 ? -0.490  2.540   -0.578  1.00 18.89 ? 4  T4S A C4     1 
HETATM 73  SE SE     . T4S A 1 4 ? -1.545  1.496   -1.453  0.64 25.43 ? 4  T4S A SE     1 
HETATM 74  C  C5     . T4S A 1 4 ? 0.516   3.327   -1.305  1.00 19.70 ? 4  T4S A C5     1 
HETATM 75  C  C5A    . T4S A 1 4 ? 0.602   3.199   -2.793  1.00 21.78 ? 4  T4S A C5A    1 
HETATM 76  C  "C2'"  . T4S A 1 4 ? 3.465   4.291   1.845   1.00 21.88 ? 4  T4S A "C2'"  1 
HETATM 77  C  "C5'"  . T4S A 1 4 ? 4.277   6.333   -1.156  1.00 23.98 ? 4  T4S A "C5'"  1 
HETATM 78  C  "C4'"  . T4S A 1 4 ? 4.017   6.038   0.303   1.00 23.37 ? 4  T4S A "C4'"  1 
HETATM 79  O  "O4'"  . T4S A 1 4 ? 2.587   6.077   0.547   1.00 22.57 ? 4  T4S A "O4'"  1 
HETATM 80  C  "C1'"  . T4S A 1 4 ? 2.237   5.119   1.558   1.00 20.63 ? 4  T4S A "C1'"  1 
HETATM 81  C  "C3'"  . T4S A 1 4 ? 4.446   4.647   0.740   1.00 23.07 ? 4  T4S A "C3'"  1 
HETATM 82  O  "O3'"  . T4S A 1 4 ? 5.751   4.619   1.258   1.00 23.31 ? 4  T4S A "O3'"  1 
ATOM   83  P  P      . DA  A 1 5 ? 6.508   3.225   1.350   1.00 24.64 ? 5  DA  A P      1 
ATOM   84  O  OP1    . DA  A 1 5 ? 7.947   3.567   1.339   1.00 26.05 ? 5  DA  A OP1    1 
ATOM   85  O  OP2    . DA  A 1 5 ? 5.966   2.275   0.351   1.00 26.93 ? 5  DA  A OP2    1 
ATOM   86  O  "O5'"  . DA  A 1 5 ? 6.113   2.732   2.796   1.00 22.41 ? 5  DA  A "O5'"  1 
ATOM   87  C  "C5'"  . DA  A 1 5 ? 5.847   1.377   3.064   1.00 20.45 ? 5  DA  A "C5'"  1 
ATOM   88  C  "C4'"  . DA  A 1 5 ? 5.060   1.297   4.343   1.00 19.30 ? 5  DA  A "C4'"  1 
ATOM   89  O  "O4'"  . DA  A 1 5 ? 3.758   1.886   4.058   1.00 20.25 ? 5  DA  A "O4'"  1 
ATOM   90  C  "C3'"  . DA  A 1 5 ? 4.784   -0.128  4.783   1.00 20.47 ? 5  DA  A "C3'"  1 
ATOM   91  O  "O3'"  . DA  A 1 5 ? 5.738   -0.541  5.744   1.00 21.46 ? 5  DA  A "O3'"  1 
ATOM   92  C  "C2'"  . DA  A 1 5 ? 3.372   -0.081  5.334   1.00 20.02 ? 5  DA  A "C2'"  1 
ATOM   93  C  "C1'"  . DA  A 1 5 ? 2.722   1.053   4.554   1.00 18.01 ? 5  DA  A "C1'"  1 
ATOM   94  N  N9     . DA  A 1 5 ? 1.999   0.500   3.392   1.00 17.00 ? 5  DA  A N9     1 
ATOM   95  C  C8     . DA  A 1 5 ? 2.342   0.619   2.064   1.00 16.46 ? 5  DA  A C8     1 
ATOM   96  N  N7     . DA  A 1 5 ? 1.486   0.072   1.240   1.00 15.41 ? 5  DA  A N7     1 
ATOM   97  C  C5     . DA  A 1 5 ? 0.517   -0.455  2.084   1.00 15.65 ? 5  DA  A C5     1 
ATOM   98  C  C6     . DA  A 1 5 ? -0.669  -1.161  1.829   1.00 15.94 ? 5  DA  A C6     1 
ATOM   99  N  N6     . DA  A 1 5 ? -1.106  -1.410  0.599   1.00 17.36 ? 5  DA  A N6     1 
ATOM   100 N  N1     . DA  A 1 5 ? -1.394  -1.590  2.906   1.00 17.40 ? 5  DA  A N1     1 
ATOM   101 C  C2     . DA  A 1 5 ? -0.951  -1.289  4.137   1.00 17.91 ? 5  DA  A C2     1 
ATOM   102 N  N3     . DA  A 1 5 ? 0.141   -0.611  4.493   1.00 16.13 ? 5  DA  A N3     1 
ATOM   103 C  C4     . DA  A 1 5 ? 0.837   -0.228  3.412   1.00 16.57 ? 5  DA  A C4     1 
ATOM   104 P  P      . DC  A 1 6 ? 6.309   -2.041  5.650   1.00 22.17 ? 6  DC  A P      1 
ATOM   105 O  OP1    . DC  A 1 6 ? 7.384   -2.137  6.670   1.00 24.14 ? 6  DC  A OP1    1 
ATOM   106 O  OP2    . DC  A 1 6 ? 6.578   -2.393  4.272   1.00 22.75 ? 6  DC  A OP2    1 
ATOM   107 O  "O5'"  . DC  A 1 6 ? 5.059   -2.896  6.132   1.00 21.26 ? 6  DC  A "O5'"  1 
ATOM   108 C  "C5'"  . DC  A 1 6 ? 4.577   -2.741  7.445   1.00 19.98 ? 6  DC  A "C5'"  1 
ATOM   109 C  "C4'"  . DC  A 1 6 ? 3.295   -3.512  7.655   1.00 20.60 ? 6  DC  A "C4'"  1 
ATOM   110 O  "O4'"  . DC  A 1 6 ? 2.260   -2.887  6.859   1.00 19.07 ? 6  DC  A "O4'"  1 
ATOM   111 C  "C3'"  . DC  A 1 6 ? 3.331   -4.955  7.177   1.00 21.10 ? 6  DC  A "C3'"  1 
ATOM   112 O  "O3'"  . DC  A 1 6 ? 3.832   -5.872  8.145   1.00 22.45 ? 6  DC  A "O3'"  1 
ATOM   113 C  "C2'"  . DC  A 1 6 ? 1.890   -5.240  6.775   1.00 20.66 ? 6  DC  A "C2'"  1 
ATOM   114 C  "C1'"  . DC  A 1 6 ? 1.339   -3.869  6.402   1.00 18.22 ? 6  DC  A "C1'"  1 
ATOM   115 N  N1     . DC  A 1 6 ? 1.366   -3.868  4.920   1.00 16.00 ? 6  DC  A N1     1 
ATOM   116 C  C2     . DC  A 1 6 ? 0.275   -4.441  4.261   1.00 16.35 ? 6  DC  A C2     1 
ATOM   117 O  O2     . DC  A 1 6 ? -0.606  -4.962  4.955   1.00 18.90 ? 6  DC  A O2     1 
ATOM   118 N  N3     . DC  A 1 6 ? 0.218   -4.431  2.904   1.00 16.30 ? 6  DC  A N3     1 
ATOM   119 C  C4     . DC  A 1 6 ? 1.214   -3.902  2.180   1.00 16.37 ? 6  DC  A C4     1 
ATOM   120 N  N4     . DC  A 1 6 ? 1.092   -3.911  0.845   1.00 16.97 ? 6  DC  A N4     1 
ATOM   121 C  C5     . DC  A 1 6 ? 2.372   -3.338  2.800   1.00 16.41 ? 6  DC  A C5     1 
ATOM   122 C  C6     . DC  A 1 6 ? 2.409   -3.335  4.192   1.00 16.57 ? 6  DC  A C6     1 
ATOM   123 P  P      . DA  A 1 7 ? 4.579   -7.201  7.634   1.00 24.11 ? 7  DA  A P      1 
ATOM   124 O  OP1    . DA  A 1 7 ? 5.354   -7.729  8.797   1.00 25.22 ? 7  DA  A OP1    1 
ATOM   125 O  OP2    . DA  A 1 7 ? 5.261   -7.001  6.330   1.00 25.67 ? 7  DA  A OP2    1 
ATOM   126 O  "O5'"  . DA  A 1 7 ? 3.371   -8.172  7.345   1.00 22.56 ? 7  DA  A "O5'"  1 
ATOM   127 C  "C5'"  . DA  A 1 7 ? 2.467   -8.489  8.379   1.00 21.39 ? 7  DA  A "C5'"  1 
ATOM   128 C  "C4'"  . DA  A 1 7 ? 1.357   -9.354  7.841   1.00 21.52 ? 7  DA  A "C4'"  1 
ATOM   129 O  "O4'"  . DA  A 1 7 ? 0.600   -8.576  6.883   1.00 21.00 ? 7  DA  A "O4'"  1 
ATOM   130 C  "C3'"  . DA  A 1 7 ? 1.864   -10.549 7.055   1.00 22.15 ? 7  DA  A "C3'"  1 
ATOM   131 O  "O3'"  . DA  A 1 7 ? 1.999   -11.702 7.859   1.00 22.28 ? 7  DA  A "O3'"  1 
ATOM   132 C  "C2'"  . DA  A 1 7 ? 0.837   -10.750 5.954   1.00 20.85 ? 7  DA  A "C2'"  1 
ATOM   133 C  "C1'"  . DA  A 1 7 ? 0.170   -9.390  5.804   1.00 19.36 ? 7  DA  A "C1'"  1 
ATOM   134 N  N9     . DA  A 1 7 ? 0.621   -8.754  4.565   1.00 18.05 ? 7  DA  A N9     1 
ATOM   135 C  C8     . DA  A 1 7 ? 1.694   -7.908  4.380   1.00 17.01 ? 7  DA  A C8     1 
ATOM   136 N  N7     . DA  A 1 7 ? 1.810   -7.458  3.146   1.00 16.53 ? 7  DA  A N7     1 
ATOM   137 C  C5     . DA  A 1 7 ? 0.744   -8.063  2.479   1.00 16.54 ? 7  DA  A C5     1 
ATOM   138 C  C6     . DA  A 1 7 ? 0.276   -7.984  1.141   1.00 15.62 ? 7  DA  A C6     1 
ATOM   139 N  N6     . DA  A 1 7 ? 0.830   -7.212  0.213   1.00 17.36 ? 7  DA  A N6     1 
ATOM   140 N  N1     . DA  A 1 7 ? -0.801  -8.726  0.806   1.00 16.60 ? 7  DA  A N1     1 
ATOM   141 C  C2     . DA  A 1 7 ? -1.380  -9.484  1.744   1.00 14.85 ? 7  DA  A C2     1 
ATOM   142 N  N3     . DA  A 1 7 ? -1.042  -9.636  3.029   1.00 16.36 ? 7  DA  A N3     1 
ATOM   143 C  C4     . DA  A 1 7 ? 0.024   -8.884  3.337   1.00 16.32 ? 7  DA  A C4     1 
ATOM   144 P  P      . DC  A 1 8 ? 3.103   -12.792 7.444   1.00 24.13 ? 8  DC  A P      1 
ATOM   145 O  OP1    . DC  A 1 8 ? 3.203   -13.739 8.583   1.00 25.41 ? 8  DC  A OP1    1 
ATOM   146 O  OP2    . DC  A 1 8 ? 4.329   -12.088 6.980   1.00 27.68 ? 8  DC  A OP2    1 
ATOM   147 O  "O5'"  . DC  A 1 8 ? 2.434   -13.582 6.239   1.00 23.16 ? 8  DC  A "O5'"  1 
ATOM   148 C  "C5'"  . DC  A 1 8 ? 1.219   -14.323 6.465   1.00 23.47 ? 8  DC  A "C5'"  1 
ATOM   149 C  "C4'"  . DC  A 1 8 ? 0.710   -14.990 5.207   1.00 24.67 ? 8  DC  A "C4'"  1 
ATOM   150 O  "O4'"  . DC  A 1 8 ? 0.352   -13.995 4.219   1.00 25.25 ? 8  DC  A "O4'"  1 
ATOM   151 C  "C3'"  . DC  A 1 8 ? 1.672   -15.971 4.524   1.00 25.93 ? 8  DC  A "C3'"  1 
ATOM   152 O  "O3'"  . DC  A 1 8 ? 0.933   -17.112 4.054   1.00 28.26 ? 8  DC  A "O3'"  1 
ATOM   153 C  "C2'"  . DC  A 1 8 ? 2.166   -15.199 3.314   1.00 25.43 ? 8  DC  A "C2'"  1 
ATOM   154 C  "C1'"  . DC  A 1 8 ? 0.993   -14.275 2.984   1.00 24.58 ? 8  DC  A "C1'"  1 
ATOM   155 N  N1     . DC  A 1 8 ? 1.481   -12.998 2.408   1.00 22.72 ? 8  DC  A N1     1 
ATOM   156 C  C2     . DC  A 1 8 ? 0.987   -12.595 1.158   1.00 22.64 ? 8  DC  A C2     1 
ATOM   157 O  O2     . DC  A 1 8 ? 0.080   -13.255 0.640   1.00 22.88 ? 8  DC  A O2     1 
ATOM   158 N  N3     . DC  A 1 8 ? 1.504   -11.488 0.556   1.00 20.77 ? 8  DC  A N3     1 
ATOM   159 C  C4     . DC  A 1 8 ? 2.464   -10.783 1.150   1.00 19.21 ? 8  DC  A C4     1 
ATOM   160 N  N4     . DC  A 1 8 ? 2.985   -9.751  0.476   1.00 18.99 ? 8  DC  A N4     1 
ATOM   161 C  C5     . DC  A 1 8 ? 2.952   -11.115 2.452   1.00 20.23 ? 8  DC  A C5     1 
ATOM   162 C  C6     . DC  A 1 8 ? 2.416   -12.240 3.052   1.00 20.97 ? 8  DC  A C6     1 
HETATM 163 O  O      . HOH B 2 . ? 0.386   0.249   7.213   1.00 19.09 ? 9  HOH A O      1 
HETATM 164 O  O      . HOH B 2 . ? -2.018  -12.086 4.291   1.00 25.15 ? 10 HOH A O      1 
HETATM 165 O  O      . HOH B 2 . ? -4.065  3.175   -4.496  1.00 33.25 ? 11 HOH A O      1 
HETATM 166 O  O      . HOH B 2 . ? -9.976  4.753   -3.730  1.00 34.69 ? 12 HOH A O      1 
HETATM 167 O  O      . HOH B 2 . ? -9.239  5.591   -1.100  1.00 30.27 ? 13 HOH A O      1 
HETATM 168 O  O      . HOH B 2 . ? -12.653 4.442   -7.925  1.00 31.49 ? 14 HOH A O      1 
HETATM 169 O  O      . HOH B 2 . ? 0.971   -14.572 9.998   1.00 26.16 ? 15 HOH A O      1 
HETATM 170 O  O      . HOH B 2 . ? 3.857   -6.251  1.674   1.00 29.43 ? 16 HOH A O      1 
HETATM 171 O  O      . HOH B 2 . ? 2.001   -0.299  -1.559  1.00 29.20 ? 17 HOH A O      1 
HETATM 172 O  O      . HOH B 2 . ? -6.044  2.992   -2.340  1.00 29.27 ? 18 HOH A O      1 
HETATM 173 O  O      . HOH B 2 . ? -2.623  -12.828 0.505   1.00 26.11 ? 19 HOH A O      1 
HETATM 174 O  O      . HOH B 2 . ? -6.569  4.415   -13.349 1.00 29.14 ? 20 HOH A O      1 
HETATM 175 O  O      . HOH B 2 . ? -1.077  -16.815 1.612   1.00 34.99 ? 21 HOH A O      1 
HETATM 176 O  O      . HOH B 2 . ? -2.316  5.948   -12.635 1.00 45.47 ? 22 HOH A O      1 
HETATM 177 O  O      . HOH B 2 . ? 5.436   -11.498 4.759   1.00 28.92 ? 23 HOH A O      1 
HETATM 178 O  O      . HOH B 2 . ? 3.059   -2.733  -0.793  1.00 33.66 ? 24 HOH A O      1 
HETATM 179 O  O      . HOH B 2 . ? -3.750  3.883   -7.309  1.00 36.25 ? 25 HOH A O      1 
HETATM 180 O  O      . HOH B 2 . ? -12.251 4.405   -4.523  1.00 49.43 ? 26 HOH A O      1 
HETATM 181 O  O      . HOH B 2 . ? 5.569   -9.038  4.353   1.00 34.57 ? 27 HOH A O      1 
HETATM 182 O  O      . HOH B 2 . ? 2.158   -0.227  9.204   1.00 25.19 ? 28 HOH A O      1 
HETATM 183 O  O      . HOH B 2 . ? 7.935   -8.157  6.196   1.00 51.76 ? 29 HOH A O      1 
HETATM 184 O  O      . HOH B 2 . ? -8.367  3.120   -8.921  1.00 45.05 ? 30 HOH A O      1 
HETATM 185 O  O      . HOH B 2 . ? 0.931   -16.684 -0.042  1.00 31.26 ? 31 HOH A O      1 
HETATM 186 O  O      . HOH B 2 . ? 0.810   8.664   -0.036  1.00 29.89 ? 32 HOH A O      1 
HETATM 187 O  O      . HOH B 2 . ? 3.948   1.862   -1.964  1.00 37.33 ? 33 HOH A O      1 
HETATM 188 O  O      . HOH B 2 . ? 8.264   -10.557 5.209   1.00 48.88 ? 34 HOH A O      1 
HETATM 189 O  O      . HOH B 2 . ? 9.237   5.846   -0.230  1.00 43.60 ? 35 HOH A O      1 
HETATM 190 O  O      . HOH B 2 . ? 6.985   -0.647  9.394   1.00 33.57 ? 36 HOH A O      1 
HETATM 191 O  O      . HOH B 2 . ? -2.300  1.479   -5.204  1.00 44.17 ? 37 HOH A O      1 
HETATM 192 O  O      . HOH B 2 . ? 7.835   4.008   -2.517  1.00 49.98 ? 38 HOH A O      1 
HETATM 193 O  O      . HOH B 2 . ? 5.563   -1.823  1.512   1.00 40.85 ? 39 HOH A O      1 
HETATM 194 O  O      . HOH B 2 . ? 0.072   1.146   11.348  0.50 52.02 ? 40 HOH A O      1 
HETATM 195 O  O      . HOH B 2 . ? 10.499  2.297   2.278   1.00 50.60 ? 41 HOH A O      1 
HETATM 196 O  O      . HOH B 2 . ? 11.017  6.400   1.727   1.00 45.28 ? 42 HOH A O      1 
HETATM 197 O  O      . HOH B 2 . ? 9.108   -5.854  6.491   1.00 47.09 ? 43 HOH A O      1 
HETATM 198 O  O      . HOH B 2 . ? 7.841   6.922   -4.975  1.00 50.13 ? 44 HOH A O      1 
# 
